data_6FUI
#
_entry.id   6FUI
#
_cell.length_a   55.508
_cell.length_b   50.064
_cell.length_c   39.264
_cell.angle_alpha   90.00
_cell.angle_beta   106.09
_cell.angle_gamma   90.00
#
_symmetry.space_group_name_H-M   'P 1 21 1'
#
loop_
_entity.id
_entity.type
_entity.pdbx_description
1 polymer 'Complement factor D'
2 non-polymer '(1~{R},2~{S})-2-[[4-[[3-(aminomethyl)phenyl]amino]quinazolin-2-yl]amino]cyclohexane-1-carboxylic acid'
3 water water
#
_entity_poly.entity_id   1
_entity_poly.type   'polypeptide(L)'
_entity_poly.pdbx_seq_one_letter_code
;ILGGREAEAHARPYMASVQLNGAHLCGGVLVAEQWVLSAAHCLEDAADGKVQVLLGAHSLSQPEPSKRLYDVLRAVPHPD
SQPDTIDHDLLLLQLSEKATLGPAVRPLPWQRVDRDVAPGTLCDVAGWGIVNHAGRRPDSLQHVLLPVLDRATCNRRTHH
DGAITERLMCAESNRRDSCKGDSGGPLVCGGVLEGVVTSGSRVCGNRKKPGIYTRVASYAAWIDSVLASAAA
;
_entity_poly.pdbx_strand_id   A
#
loop_
_chem_comp.id
_chem_comp.type
_chem_comp.name
_chem_comp.formula
E7W non-polymer '(1~{R},2~{S})-2-[[4-[[3-(aminomethyl)phenyl]amino]quinazolin-2-yl]amino]cyclohexane-1-carboxylic acid' 'C22 H25 N5 O2'
#
# COMPACT_ATOMS: atom_id res chain seq x y z
N ILE A 1 3.84 -10.49 1.01
CA ILE A 1 4.67 -10.23 2.18
C ILE A 1 5.59 -11.46 2.48
N LEU A 2 6.94 -11.23 2.37
CA LEU A 2 7.94 -12.24 2.75
C LEU A 2 8.03 -12.20 4.27
N GLY A 3 8.22 -13.37 4.86
CA GLY A 3 8.49 -13.41 6.29
C GLY A 3 7.44 -13.01 7.21
N GLY A 4 6.18 -12.99 6.75
CA GLY A 4 5.12 -12.56 7.69
C GLY A 4 4.25 -13.62 8.27
N ARG A 5 3.02 -13.30 8.64
CA ARG A 5 2.01 -14.20 9.31
C ARG A 5 0.56 -13.90 8.89
N GLU A 6 -0.37 -14.85 8.99
CA GLU A 6 -1.78 -14.58 8.79
C GLU A 6 -2.35 -13.49 9.62
N ALA A 7 -2.85 -12.44 8.95
CA ALA A 7 -3.47 -11.33 9.73
C ALA A 7 -4.76 -11.77 10.35
N GLU A 8 -5.12 -11.17 11.46
CA GLU A 8 -6.41 -11.39 12.07
C GLU A 8 -7.52 -10.92 11.14
N ALA A 9 -8.54 -11.77 10.88
CA ALA A 9 -9.47 -11.48 9.83
C ALA A 9 -10.26 -10.20 10.20
N HIS A 10 -10.29 -9.24 9.25
CA HIS A 10 -11.10 -8.00 9.47
C HIS A 10 -10.58 -6.99 10.51
N ALA A 11 -9.35 -7.24 10.99
CA ALA A 11 -8.78 -6.34 11.98
C ALA A 11 -8.20 -5.08 11.40
N ARG A 12 -8.08 -5.02 10.10
CA ARG A 12 -7.59 -3.86 9.32
C ARG A 12 -8.66 -3.48 8.34
N PRO A 13 -9.72 -2.80 8.81
CA PRO A 13 -10.93 -2.61 8.01
C PRO A 13 -10.74 -1.62 6.84
N TYR A 14 -9.58 -0.94 6.84
CA TYR A 14 -9.17 -0.07 5.74
C TYR A 14 -8.52 -0.80 4.61
N MET A 15 -8.22 -2.08 4.78
CA MET A 15 -7.43 -2.79 3.79
C MET A 15 -8.19 -3.10 2.50
N ALA A 16 -7.62 -2.76 1.35
CA ALA A 16 -8.30 -3.02 0.09
C ALA A 16 -7.43 -3.89 -0.81
N SER A 17 -8.09 -4.72 -1.62
CA SER A 17 -7.42 -5.42 -2.70
C SER A 17 -7.82 -4.74 -4.00
N VAL A 18 -6.84 -4.22 -4.71
CA VAL A 18 -7.05 -3.68 -6.04
C VAL A 18 -6.90 -4.78 -7.03
N GLN A 19 -7.97 -4.96 -7.82
CA GLN A 19 -8.12 -6.15 -8.69
C GLN A 19 -8.13 -5.69 -10.16
N LEU A 20 -7.53 -6.52 -11.04
CA LEU A 20 -7.58 -6.27 -12.45
C LEU A 20 -8.12 -7.55 -13.11
N ASN A 21 -9.25 -7.48 -13.84
CA ASN A 21 -9.81 -8.62 -14.48
C ASN A 21 -9.97 -9.75 -13.53
N GLY A 22 -10.46 -9.39 -12.37
CA GLY A 22 -10.86 -10.33 -11.28
C GLY A 22 -9.75 -11.01 -10.48
N ALA A 23 -8.50 -10.56 -10.61
CA ALA A 23 -7.43 -11.14 -9.86
C ALA A 23 -6.83 -10.03 -8.95
N HIS A 24 -6.34 -10.39 -7.79
CA HIS A 24 -5.61 -9.43 -6.98
C HIS A 24 -4.42 -8.98 -7.73
N LEU A 25 -4.19 -7.63 -7.77
CA LEU A 25 -3.02 -7.05 -8.36
C LEU A 25 -2.19 -6.31 -7.35
N CYS A 26 -2.79 -5.43 -6.56
CA CYS A 26 -2.04 -4.61 -5.66
C CYS A 26 -2.88 -4.39 -4.38
N GLY A 27 -2.20 -3.92 -3.35
CA GLY A 27 -2.91 -3.44 -2.11
C GLY A 27 -3.44 -2.06 -2.40
N GLY A 28 -4.28 -1.67 -1.46
CA GLY A 28 -4.76 -0.31 -1.35
C GLY A 28 -5.34 0.00 0.02
N VAL A 29 -5.68 1.29 0.28
CA VAL A 29 -6.11 1.71 1.58
C VAL A 29 -7.30 2.59 1.44
N LEU A 30 -8.40 2.29 2.15
CA LEU A 30 -9.60 3.12 2.10
C LEU A 30 -9.26 4.34 2.97
N VAL A 31 -9.26 5.54 2.31
CA VAL A 31 -8.83 6.83 2.97
C VAL A 31 -10.06 7.79 3.09
N ALA A 32 -11.17 7.47 2.44
CA ALA A 32 -12.36 8.32 2.53
C ALA A 32 -13.52 7.39 2.18
N GLU A 33 -14.74 7.87 2.28
CA GLU A 33 -15.82 6.98 2.02
C GLU A 33 -15.88 6.40 0.60
N GLN A 34 -15.44 7.20 -0.43
CA GLN A 34 -15.51 6.80 -1.76
C GLN A 34 -14.11 6.68 -2.44
N TRP A 35 -13.04 6.69 -1.68
CA TRP A 35 -11.65 6.79 -2.24
C TRP A 35 -10.74 5.76 -1.63
N VAL A 36 -10.00 5.04 -2.53
CA VAL A 36 -8.93 4.15 -2.12
C VAL A 36 -7.65 4.65 -2.69
N LEU A 37 -6.61 4.72 -1.86
CA LEU A 37 -5.28 5.11 -2.19
C LEU A 37 -4.40 3.83 -2.50
N SER A 38 -3.68 3.89 -3.55
CA SER A 38 -2.83 2.78 -4.00
C SER A 38 -1.62 3.35 -4.70
N ALA A 39 -0.92 2.56 -5.50
CA ALA A 39 0.31 2.91 -6.22
C ALA A 39 0.05 3.05 -7.71
N ALA A 40 0.58 4.14 -8.27
CA ALA A 40 0.43 4.36 -9.67
C ALA A 40 0.99 3.27 -10.57
N HIS A 41 2.11 2.72 -10.17
CA HIS A 41 2.69 1.72 -11.09
C HIS A 41 1.74 0.49 -11.26
N CYS A 42 0.80 0.31 -10.29
CA CYS A 42 -0.15 -0.83 -10.44
C CYS A 42 -0.93 -0.74 -11.70
N LEU A 43 -1.35 0.49 -12.06
CA LEU A 43 -2.23 0.55 -13.20
C LEU A 43 -1.53 1.04 -14.46
N GLU A 44 -0.19 1.28 -14.41
CA GLU A 44 0.63 1.87 -15.51
C GLU A 44 0.22 1.31 -16.84
N ASP A 45 0.12 -0.02 -16.88
CA ASP A 45 -0.13 -0.74 -18.11
C ASP A 45 -1.48 -1.48 -18.14
N ALA A 46 -2.48 -1.01 -17.36
CA ALA A 46 -3.70 -1.78 -17.18
C ALA A 46 -4.57 -1.60 -18.42
N ALA A 47 -4.30 -0.55 -19.23
CA ALA A 47 -4.95 -0.33 -20.52
C ALA A 47 -6.43 -0.27 -20.16
N ASP A 48 -7.26 -1.04 -20.86
CA ASP A 48 -8.75 -1.03 -20.68
C ASP A 48 -9.23 -2.28 -19.95
N GLY A 49 -8.33 -2.97 -19.14
CA GLY A 49 -8.79 -4.03 -18.23
C GLY A 49 -9.73 -3.50 -17.16
N LYS A 50 -10.47 -4.40 -16.54
N LYS A 50 -10.46 -4.42 -16.55
CA LYS A 50 -11.45 -3.97 -15.57
CA LYS A 50 -11.50 -4.14 -15.54
C LYS A 50 -10.83 -3.91 -14.18
C LYS A 50 -10.79 -3.93 -14.17
N VAL A 51 -10.79 -2.68 -13.64
CA VAL A 51 -10.28 -2.38 -12.31
C VAL A 51 -11.37 -2.33 -11.29
N GLN A 52 -11.23 -3.13 -10.24
CA GLN A 52 -12.19 -3.18 -9.15
C GLN A 52 -11.47 -3.11 -7.80
N VAL A 53 -12.22 -2.83 -6.75
CA VAL A 53 -11.65 -2.78 -5.40
C VAL A 53 -12.47 -3.67 -4.50
N LEU A 54 -11.83 -4.61 -3.87
CA LEU A 54 -12.47 -5.51 -2.93
C LEU A 54 -12.23 -4.95 -1.49
N LEU A 55 -13.32 -4.62 -0.81
CA LEU A 55 -13.29 -4.15 0.59
C LEU A 55 -13.89 -5.22 1.48
N GLY A 56 -13.55 -5.13 2.75
CA GLY A 56 -14.19 -5.97 3.79
C GLY A 56 -13.63 -7.42 3.78
N ALA A 57 -12.56 -7.70 3.04
CA ALA A 57 -12.07 -9.06 2.83
C ALA A 57 -10.97 -9.48 3.74
N HIS A 58 -10.97 -10.81 3.95
CA HIS A 58 -9.81 -11.53 4.47
C HIS A 58 -9.32 -12.50 3.41
N SER A 59 -10.21 -13.46 3.09
CA SER A 59 -9.98 -14.37 2.01
C SER A 59 -10.31 -13.80 0.61
N LEU A 60 -9.43 -13.93 -0.35
CA LEU A 60 -9.68 -13.51 -1.74
C LEU A 60 -10.78 -14.43 -2.43
N SER A 61 -10.94 -15.66 -2.02
CA SER A 61 -11.83 -16.62 -2.73
C SER A 61 -13.12 -16.94 -1.98
N GLN A 62 -13.18 -16.84 -0.66
CA GLN A 62 -14.37 -17.33 0.09
C GLN A 62 -15.38 -16.23 0.39
N PRO A 63 -16.68 -16.55 0.55
CA PRO A 63 -17.63 -15.55 0.79
C PRO A 63 -17.55 -15.16 2.29
N GLU A 64 -17.67 -13.90 2.54
CA GLU A 64 -17.66 -13.34 3.81
C GLU A 64 -18.71 -12.22 3.81
N PRO A 65 -19.39 -12.01 4.98
CA PRO A 65 -20.54 -11.07 5.01
C PRO A 65 -20.20 -9.70 4.70
N SER A 66 -19.02 -9.26 5.09
CA SER A 66 -18.56 -7.90 4.83
C SER A 66 -17.83 -7.70 3.52
N LYS A 67 -17.49 -8.75 2.81
CA LYS A 67 -16.75 -8.62 1.58
C LYS A 67 -17.63 -8.13 0.43
N ARG A 68 -17.17 -7.06 -0.24
CA ARG A 68 -17.94 -6.45 -1.38
C ARG A 68 -16.90 -5.97 -2.38
N LEU A 69 -17.17 -6.29 -3.62
CA LEU A 69 -16.38 -5.82 -4.73
C LEU A 69 -17.03 -4.55 -5.23
N TYR A 70 -16.28 -3.48 -5.36
CA TYR A 70 -16.72 -2.20 -5.91
C TYR A 70 -16.13 -1.97 -7.32
N ASP A 71 -16.92 -1.36 -8.16
CA ASP A 71 -16.42 -0.87 -9.42
C ASP A 71 -15.77 0.48 -9.20
N VAL A 72 -15.02 0.91 -10.21
CA VAL A 72 -14.27 2.14 -10.14
C VAL A 72 -14.80 3.13 -11.14
N LEU A 73 -15.21 4.31 -10.63
CA LEU A 73 -15.61 5.41 -11.52
C LEU A 73 -14.46 6.03 -12.21
N ARG A 74 -13.38 6.33 -11.47
CA ARG A 74 -12.20 6.99 -11.97
C ARG A 74 -10.96 6.50 -11.40
N ALA A 75 -9.86 6.35 -12.14
CA ALA A 75 -8.49 6.14 -11.60
C ALA A 75 -7.69 7.39 -11.83
N VAL A 76 -7.04 7.89 -10.77
CA VAL A 76 -6.34 9.18 -10.78
C VAL A 76 -4.85 8.94 -10.34
N PRO A 77 -4.01 8.61 -11.30
CA PRO A 77 -2.59 8.52 -11.00
C PRO A 77 -2.00 9.91 -10.68
N HIS A 78 -1.01 9.95 -9.81
CA HIS A 78 -0.32 11.23 -9.56
C HIS A 78 0.23 11.77 -10.89
N PRO A 79 0.02 13.06 -11.19
CA PRO A 79 0.43 13.57 -12.47
C PRO A 79 1.94 13.53 -12.72
N ASP A 80 2.77 13.41 -11.68
CA ASP A 80 4.19 13.42 -11.85
C ASP A 80 4.79 12.02 -11.80
N SER A 81 3.94 10.95 -11.71
CA SER A 81 4.40 9.57 -11.70
C SER A 81 4.83 9.15 -13.10
N GLN A 82 5.77 8.19 -13.18
CA GLN A 82 6.24 7.72 -14.47
C GLN A 82 6.66 6.34 -14.34
N PRO A 83 6.50 5.53 -15.43
CA PRO A 83 6.91 4.16 -15.23
C PRO A 83 8.38 4.16 -14.99
N ASP A 84 8.95 3.26 -14.31
CA ASP A 84 10.57 3.58 -14.49
C ASP A 84 11.22 4.77 -13.63
N THR A 85 10.35 5.56 -12.92
CA THR A 85 10.87 6.24 -11.69
C THR A 85 10.16 5.73 -10.38
N ILE A 86 10.76 5.97 -9.21
CA ILE A 86 10.24 5.58 -7.92
C ILE A 86 9.42 6.67 -7.30
N ASP A 87 9.42 7.85 -7.93
CA ASP A 87 8.86 9.03 -7.32
C ASP A 87 7.33 9.18 -7.58
N HIS A 88 6.62 9.73 -6.58
CA HIS A 88 5.24 10.11 -6.75
C HIS A 88 4.33 8.96 -7.11
N ASP A 89 4.62 7.83 -6.49
CA ASP A 89 3.98 6.57 -6.93
C ASP A 89 2.67 6.35 -6.19
N LEU A 90 1.72 7.25 -6.39
CA LEU A 90 0.39 7.26 -5.74
C LEU A 90 -0.71 7.26 -6.83
N LEU A 91 -1.81 6.62 -6.45
CA LEU A 91 -2.96 6.47 -7.30
C LEU A 91 -4.20 6.55 -6.44
N LEU A 92 -5.21 7.35 -6.83
CA LEU A 92 -6.48 7.45 -6.12
C LEU A 92 -7.57 6.80 -6.97
N LEU A 93 -8.30 5.89 -6.37
CA LEU A 93 -9.43 5.22 -7.10
C LEU A 93 -10.74 5.68 -6.48
N GLN A 94 -11.59 6.30 -7.31
CA GLN A 94 -12.91 6.70 -6.84
C GLN A 94 -13.86 5.56 -7.09
N LEU A 95 -14.45 5.02 -6.04
CA LEU A 95 -15.37 3.91 -6.13
C LEU A 95 -16.65 4.41 -6.79
N SER A 96 -17.37 3.47 -7.40
CA SER A 96 -18.62 3.89 -8.11
CA SER A 96 -18.60 3.87 -8.10
C SER A 96 -19.67 4.45 -7.18
N GLU A 97 -19.64 4.08 -5.92
CA GLU A 97 -20.50 4.71 -4.86
C GLU A 97 -19.68 4.67 -3.58
N LYS A 98 -20.14 5.41 -2.59
CA LYS A 98 -19.55 5.34 -1.29
C LYS A 98 -19.63 3.95 -0.72
N ALA A 99 -18.55 3.54 -0.08
CA ALA A 99 -18.53 2.23 0.50
C ALA A 99 -19.47 2.14 1.68
N THR A 100 -20.09 0.94 1.85
CA THR A 100 -20.88 0.71 3.04
C THR A 100 -19.91 0.44 4.20
N LEU A 101 -20.01 1.28 5.24
CA LEU A 101 -19.12 1.13 6.40
C LEU A 101 -19.69 0.32 7.48
N GLY A 102 -18.76 -0.31 8.20
CA GLY A 102 -19.10 -1.14 9.34
C GLY A 102 -17.87 -1.48 10.10
N PRO A 103 -17.94 -2.44 11.02
CA PRO A 103 -16.75 -2.93 11.69
C PRO A 103 -15.57 -3.43 10.81
N ALA A 104 -15.92 -3.97 9.65
CA ALA A 104 -14.96 -4.55 8.75
C ALA A 104 -14.52 -3.67 7.58
N VAL A 105 -15.16 -2.54 7.51
CA VAL A 105 -14.92 -1.56 6.38
C VAL A 105 -14.93 -0.16 6.93
N ARG A 106 -13.77 0.46 7.04
CA ARG A 106 -13.65 1.82 7.60
C ARG A 106 -12.44 2.51 7.08
N PRO A 107 -12.54 3.78 6.70
CA PRO A 107 -11.36 4.48 6.29
C PRO A 107 -10.36 4.64 7.43
N LEU A 108 -9.04 4.66 7.03
CA LEU A 108 -7.95 4.86 8.03
C LEU A 108 -7.59 6.33 8.04
N PRO A 109 -7.44 6.92 9.22
CA PRO A 109 -6.87 8.32 9.31
C PRO A 109 -5.49 8.34 8.81
N TRP A 110 -5.12 9.36 8.03
CA TRP A 110 -3.86 9.43 7.43
C TRP A 110 -3.08 10.66 7.85
N GLN A 111 -1.74 10.55 7.76
CA GLN A 111 -0.88 11.56 8.30
C GLN A 111 -0.79 12.82 7.44
N ARG A 112 -1.12 13.92 8.09
N ARG A 112 -0.97 14.01 8.01
N ARG A 112 -1.12 13.94 8.06
CA ARG A 112 -1.12 15.23 7.52
CA ARG A 112 -0.59 15.27 7.30
CA ARG A 112 -1.00 15.23 7.45
C ARG A 112 0.09 16.07 8.02
C ARG A 112 0.56 15.98 7.85
C ARG A 112 0.12 16.09 8.03
N VAL A 113 0.89 15.62 9.05
CA VAL A 113 2.03 16.35 9.62
C VAL A 113 3.24 15.84 8.87
N ASP A 114 3.91 16.76 8.17
CA ASP A 114 5.05 16.40 7.27
C ASP A 114 6.32 16.43 8.02
N ARG A 115 6.54 15.49 8.98
CA ARG A 115 7.74 15.33 9.75
C ARG A 115 7.97 13.79 9.80
N ASP A 116 9.23 13.37 9.92
CA ASP A 116 9.53 11.96 9.99
C ASP A 116 9.07 11.35 11.32
N VAL A 117 8.76 10.05 11.21
CA VAL A 117 8.63 9.16 12.40
C VAL A 117 9.97 8.99 13.19
N ALA A 118 10.00 8.59 14.45
CA ALA A 118 11.15 8.25 15.15
C ALA A 118 11.76 7.03 14.40
N PRO A 119 13.15 6.95 14.41
CA PRO A 119 13.71 5.72 13.89
C PRO A 119 13.36 4.55 14.70
N GLY A 120 13.09 3.48 14.00
CA GLY A 120 12.73 2.26 14.62
C GLY A 120 11.34 2.09 15.07
N THR A 121 10.53 3.11 14.79
CA THR A 121 9.07 2.99 15.02
C THR A 121 8.56 1.69 14.31
N LEU A 122 7.86 0.86 15.04
CA LEU A 122 7.29 -0.37 14.53
C LEU A 122 5.98 -0.04 13.80
N CYS A 123 6.02 -0.30 12.50
CA CYS A 123 4.83 -0.04 11.71
C CYS A 123 4.38 -1.34 11.04
N ASP A 124 3.12 -1.40 10.71
CA ASP A 124 2.46 -2.62 10.18
C ASP A 124 2.22 -2.46 8.71
N VAL A 125 2.60 -3.47 7.94
CA VAL A 125 2.34 -3.55 6.48
C VAL A 125 1.61 -4.84 6.22
N ALA A 126 0.55 -4.80 5.41
CA ALA A 126 -0.28 -5.94 5.14
C ALA A 126 -0.44 -6.05 3.65
N GLY A 127 -0.71 -7.30 3.17
CA GLY A 127 -0.93 -7.48 1.78
C GLY A 127 -1.27 -8.93 1.43
N TRP A 128 -1.73 -9.08 0.22
CA TRP A 128 -1.90 -10.39 -0.46
C TRP A 128 -0.82 -10.75 -1.50
N GLY A 129 0.40 -10.09 -1.39
CA GLY A 129 1.44 -10.36 -2.31
C GLY A 129 2.17 -11.70 -1.99
N ILE A 130 3.16 -11.96 -2.82
CA ILE A 130 3.85 -13.29 -2.69
C ILE A 130 4.50 -13.47 -1.37
N VAL A 131 4.60 -14.74 -0.98
CA VAL A 131 5.08 -15.06 0.35
C VAL A 131 6.30 -15.98 0.39
N ASN A 132 6.94 -16.20 -0.76
CA ASN A 132 8.22 -16.92 -0.77
C ASN A 132 8.90 -16.73 -2.10
N HIS A 133 10.11 -17.19 -2.21
CA HIS A 133 10.87 -16.93 -3.43
C HIS A 133 10.31 -17.57 -4.69
N ALA A 134 9.63 -18.70 -4.46
CA ALA A 134 8.91 -19.35 -5.53
C ALA A 134 7.70 -18.59 -6.11
N GLY A 135 7.20 -17.64 -5.35
CA GLY A 135 6.10 -16.82 -5.88
C GLY A 135 4.76 -17.31 -5.33
N ARG A 136 4.72 -18.13 -4.28
CA ARG A 136 3.41 -18.54 -3.74
C ARG A 136 2.48 -17.34 -3.42
N ARG A 137 1.16 -17.42 -3.71
CA ARG A 137 0.25 -16.34 -3.45
C ARG A 137 -0.71 -16.81 -2.35
N PRO A 138 -0.87 -16.09 -1.22
CA PRO A 138 -1.76 -16.47 -0.18
C PRO A 138 -3.22 -16.20 -0.49
N ASP A 139 -4.15 -17.07 -0.06
CA ASP A 139 -5.50 -16.72 -0.19
C ASP A 139 -5.92 -15.58 0.73
N SER A 140 -5.28 -15.52 1.90
CA SER A 140 -5.73 -14.58 2.88
C SER A 140 -4.64 -13.55 3.26
N LEU A 141 -5.16 -12.49 3.84
CA LEU A 141 -4.31 -11.35 4.14
C LEU A 141 -3.15 -11.66 5.09
N GLN A 142 -1.94 -11.27 4.73
CA GLN A 142 -0.69 -11.51 5.55
C GLN A 142 -0.24 -10.11 6.02
N HIS A 143 0.48 -10.07 7.12
CA HIS A 143 1.15 -8.86 7.52
C HIS A 143 2.49 -9.08 8.15
N VAL A 144 3.20 -7.98 8.39
CA VAL A 144 4.48 -8.01 9.11
C VAL A 144 4.64 -6.69 9.82
N LEU A 145 5.32 -6.71 10.97
CA LEU A 145 5.70 -5.49 11.70
C LEU A 145 7.11 -5.21 11.39
N LEU A 146 7.38 -4.02 10.94
CA LEU A 146 8.64 -3.57 10.39
C LEU A 146 9.07 -2.29 11.14
N PRO A 147 10.33 -2.19 11.57
CA PRO A 147 10.83 -0.93 12.08
C PRO A 147 11.24 0.01 10.96
N VAL A 148 10.90 1.30 11.18
CA VAL A 148 11.31 2.34 10.21
C VAL A 148 12.86 2.43 10.25
N LEU A 149 13.44 2.63 9.12
CA LEU A 149 14.87 2.76 8.91
C LEU A 149 15.13 4.18 8.60
N ASP A 150 16.04 4.81 9.30
CA ASP A 150 16.38 6.20 9.10
C ASP A 150 16.83 6.44 7.67
N ARG A 151 16.44 7.58 7.15
CA ARG A 151 16.68 7.87 5.75
C ARG A 151 18.18 7.84 5.43
N ALA A 152 19.03 8.41 6.30
CA ALA A 152 20.49 8.37 5.95
C ALA A 152 20.99 6.96 5.76
N THR A 153 20.69 6.00 6.59
CA THR A 153 21.10 4.58 6.39
C THR A 153 20.51 4.09 5.07
N CYS A 154 19.25 4.46 4.84
CA CYS A 154 18.62 4.00 3.63
C CYS A 154 19.33 4.50 2.33
N ASN A 155 19.86 5.67 2.38
CA ASN A 155 20.59 6.38 1.31
C ASN A 155 22.04 6.01 1.17
N ARG A 156 22.54 5.13 2.07
CA ARG A 156 23.94 4.69 1.91
C ARG A 156 24.18 4.04 0.48
N ARG A 157 25.44 4.19 0.01
CA ARG A 157 25.86 3.63 -1.30
C ARG A 157 25.50 2.12 -1.30
N THR A 158 25.72 1.41 -0.15
CA THR A 158 25.39 -0.02 0.07
C THR A 158 23.92 -0.36 -0.08
N HIS A 159 23.08 0.66 0.17
CA HIS A 159 21.60 0.58 0.29
C HIS A 159 21.00 1.17 -0.97
N HIS A 160 20.34 2.32 -0.91
CA HIS A 160 19.63 2.85 -2.10
C HIS A 160 20.32 4.07 -2.64
N ASP A 161 21.58 4.28 -2.12
CA ASP A 161 22.56 5.17 -2.85
C ASP A 161 21.97 6.53 -3.32
N GLY A 162 21.36 7.23 -2.38
CA GLY A 162 20.85 8.61 -2.54
C GLY A 162 19.44 8.75 -3.15
N ALA A 163 18.78 7.66 -3.44
CA ALA A 163 17.50 7.77 -4.14
C ALA A 163 16.34 8.10 -3.24
N ILE A 164 16.52 8.06 -1.91
CA ILE A 164 15.43 8.26 -0.95
C ILE A 164 15.35 9.73 -0.71
N THR A 165 14.33 10.33 -1.37
CA THR A 165 14.01 11.73 -1.18
C THR A 165 13.22 12.00 0.10
N GLU A 166 13.01 13.28 0.42
CA GLU A 166 12.21 13.65 1.60
C GLU A 166 10.77 13.11 1.55
N ARG A 167 10.33 12.78 0.36
CA ARG A 167 8.95 12.30 0.07
C ARG A 167 8.78 10.81 0.26
N LEU A 168 9.91 10.12 0.53
CA LEU A 168 9.94 8.70 0.77
C LEU A 168 10.45 8.33 2.14
N MET A 169 10.12 7.16 2.60
CA MET A 169 10.65 6.63 3.83
C MET A 169 11.00 5.13 3.60
N CYS A 170 11.81 4.59 4.52
CA CYS A 170 12.23 3.19 4.48
C CYS A 170 11.87 2.41 5.67
N ALA A 171 11.73 1.07 5.45
CA ALA A 171 11.62 0.20 6.60
C ALA A 171 12.58 -0.95 6.35
N GLU A 172 12.96 -1.54 7.46
CA GLU A 172 13.92 -2.72 7.32
C GLU A 172 13.30 -3.85 6.48
N SER A 173 14.17 -4.56 5.77
CA SER A 173 13.78 -5.58 4.82
C SER A 173 14.63 -6.87 5.02
N ASN A 174 14.89 -7.19 6.28
CA ASN A 174 15.72 -8.34 6.52
C ASN A 174 14.92 -9.61 6.61
N ARG A 175 14.69 -10.32 5.48
CA ARG A 175 13.90 -11.46 5.45
C ARG A 175 12.42 -11.10 5.60
N ARG A 176 12.01 -10.17 6.47
CA ARG A 176 10.58 -9.76 6.52
C ARG A 176 10.48 -8.54 5.58
N ASP A 177 9.48 -8.50 4.67
CA ASP A 177 9.53 -7.43 3.62
C ASP A 177 8.20 -7.45 2.79
N SER A 178 7.81 -6.31 2.22
CA SER A 178 6.78 -6.30 1.25
C SER A 178 7.39 -6.86 -0.05
N CYS A 179 6.59 -7.46 -0.97
CA CYS A 179 7.02 -7.99 -2.21
C CYS A 179 5.90 -7.81 -3.23
N LYS A 180 6.09 -8.33 -4.42
CA LYS A 180 5.17 -8.28 -5.57
C LYS A 180 3.84 -8.62 -5.08
N GLY A 181 2.90 -7.76 -5.42
CA GLY A 181 1.52 -7.89 -4.99
C GLY A 181 1.14 -7.07 -3.83
N ASP A 182 2.12 -6.43 -3.14
CA ASP A 182 1.86 -5.67 -1.91
C ASP A 182 1.96 -4.14 -2.25
N SER A 183 2.44 -3.74 -3.42
CA SER A 183 2.45 -2.36 -3.76
C SER A 183 1.11 -1.75 -3.57
N GLY A 184 1.07 -0.51 -3.10
CA GLY A 184 -0.18 0.21 -2.93
C GLY A 184 -0.75 0.11 -1.57
N GLY A 185 -0.38 -0.95 -0.83
CA GLY A 185 -0.85 -1.16 0.47
C GLY A 185 -0.30 -0.26 1.54
N PRO A 186 -0.84 -0.36 2.73
CA PRO A 186 -0.55 0.60 3.79
C PRO A 186 0.64 0.25 4.65
N LEU A 187 1.42 1.26 5.03
CA LEU A 187 2.38 1.22 6.18
C LEU A 187 1.74 2.04 7.33
N VAL A 188 1.32 1.43 8.41
CA VAL A 188 0.53 2.08 9.41
C VAL A 188 1.44 2.16 10.64
N CYS A 189 1.54 3.36 11.22
CA CYS A 189 2.42 3.61 12.42
C CYS A 189 1.53 4.28 13.41
N GLY A 190 1.42 3.75 14.63
CA GLY A 190 0.66 4.46 15.66
C GLY A 190 -0.80 4.55 15.32
N GLY A 191 -1.41 3.63 14.47
CA GLY A 191 -2.80 3.69 14.10
C GLY A 191 -3.10 4.72 13.00
N VAL A 192 -2.09 5.33 12.41
CA VAL A 192 -2.25 6.30 11.35
CA VAL A 192 -2.27 6.33 11.31
C VAL A 192 -1.50 5.85 10.07
N LEU A 193 -2.12 6.01 8.91
CA LEU A 193 -1.40 5.76 7.67
C LEU A 193 -0.26 6.73 7.55
N GLU A 194 0.93 6.16 7.36
CA GLU A 194 2.16 6.92 7.15
C GLU A 194 2.75 6.78 5.76
N GLY A 195 2.70 5.57 5.21
CA GLY A 195 3.25 5.33 3.90
C GLY A 195 2.43 4.40 3.07
N VAL A 196 2.76 4.37 1.80
CA VAL A 196 2.15 3.44 0.86
C VAL A 196 3.31 2.65 0.19
N VAL A 197 3.12 1.30 0.18
CA VAL A 197 4.19 0.51 -0.37
C VAL A 197 4.51 0.86 -1.81
N THR A 198 5.80 1.01 -2.15
CA THR A 198 6.21 1.14 -3.49
C THR A 198 7.33 0.08 -3.83
N SER A 199 7.43 -0.22 -5.17
CA SER A 199 8.33 -1.35 -5.78
C SER A 199 9.67 -0.74 -6.34
N GLY A 200 9.99 0.48 -5.95
CA GLY A 200 11.02 1.29 -6.61
C GLY A 200 12.29 0.43 -6.62
N SER A 201 12.48 -0.19 -5.52
CA SER A 201 13.51 -1.27 -5.38
C SER A 201 12.57 -2.50 -5.55
N ARG A 202 12.90 -3.27 -6.55
CA ARG A 202 12.03 -4.37 -6.95
C ARG A 202 12.41 -5.57 -6.15
N VAL A 203 13.67 -5.66 -5.66
CA VAL A 203 13.95 -6.89 -4.87
C VAL A 203 13.30 -7.00 -3.55
N CYS A 204 13.14 -8.23 -3.14
CA CYS A 204 12.49 -8.60 -1.92
C CYS A 204 13.29 -9.30 -0.88
N GLY A 205 13.24 -8.83 0.38
CA GLY A 205 13.76 -9.47 1.60
C GLY A 205 15.30 -9.36 1.81
N ASN A 206 15.95 -8.59 0.94
CA ASN A 206 17.38 -8.36 1.02
C ASN A 206 17.49 -7.16 2.00
N ARG A 207 18.11 -7.40 3.17
CA ARG A 207 18.35 -6.31 4.13
C ARG A 207 19.15 -5.17 3.55
N LYS A 208 20.01 -5.36 2.56
CA LYS A 208 20.69 -4.24 1.92
C LYS A 208 19.92 -3.39 0.92
N LYS A 209 18.68 -3.85 0.68
CA LYS A 209 17.71 -3.13 -0.17
C LYS A 209 16.41 -2.92 0.59
N PRO A 210 16.43 -1.96 1.50
CA PRO A 210 15.22 -1.69 2.37
C PRO A 210 13.96 -1.49 1.62
N GLY A 211 12.86 -1.82 2.30
CA GLY A 211 11.55 -1.39 1.72
C GLY A 211 11.45 0.10 1.53
N ILE A 212 10.85 0.53 0.41
CA ILE A 212 10.61 1.96 0.18
C ILE A 212 9.08 2.19 0.24
N TYR A 213 8.63 3.27 0.91
CA TYR A 213 7.24 3.57 1.10
C TYR A 213 7.07 5.04 0.83
N THR A 214 6.04 5.42 0.04
CA THR A 214 5.78 6.82 -0.28
C THR A 214 5.07 7.52 0.91
N ARG A 215 5.56 8.66 1.39
CA ARG A 215 5.07 9.32 2.53
C ARG A 215 3.79 10.11 2.19
N VAL A 216 2.68 9.66 2.78
CA VAL A 216 1.38 10.31 2.45
C VAL A 216 1.39 11.79 2.84
N ALA A 217 2.04 12.13 3.92
CA ALA A 217 1.99 13.53 4.37
C ALA A 217 2.58 14.45 3.36
N SER A 218 3.55 13.96 2.58
CA SER A 218 4.22 14.72 1.59
C SER A 218 3.33 15.08 0.42
N TYR A 219 2.22 14.36 0.28
CA TYR A 219 1.27 14.45 -0.83
C TYR A 219 -0.11 14.88 -0.32
N ALA A 220 -0.18 15.46 0.86
CA ALA A 220 -1.48 15.86 1.42
C ALA A 220 -2.28 16.77 0.53
N ALA A 221 -1.67 17.80 -0.06
CA ALA A 221 -2.43 18.67 -0.98
C ALA A 221 -2.94 17.97 -2.17
N TRP A 222 -2.17 17.08 -2.74
CA TRP A 222 -2.63 16.36 -3.89
C TRP A 222 -3.85 15.47 -3.51
N ILE A 223 -3.73 14.72 -2.41
CA ILE A 223 -4.81 13.82 -1.96
C ILE A 223 -6.07 14.74 -1.78
N ASP A 224 -5.93 15.86 -1.06
CA ASP A 224 -7.10 16.72 -0.90
C ASP A 224 -7.62 17.24 -2.16
N SER A 225 -6.79 17.60 -3.12
CA SER A 225 -7.28 18.19 -4.34
C SER A 225 -8.13 17.13 -5.14
N VAL A 226 -7.69 15.91 -5.18
CA VAL A 226 -8.39 14.86 -5.89
C VAL A 226 -9.70 14.48 -5.21
N LEU A 227 -9.69 14.31 -3.88
CA LEU A 227 -10.96 14.17 -3.15
C LEU A 227 -11.92 15.48 -3.41
N1 E7W B . 5.58 -4.93 -9.37
C5 E7W B . 3.77 -3.88 -8.34
C7 E7W B . 2.89 -3.98 -9.58
C10 E7W B . 2.88 -2.67 -10.35
C13 E7W B . 4.21 -2.66 -10.92
C26 E7W B . 8.52 -7.34 -8.30
O21 E7W B . 3.82 -4.72 -6.18
C19 E7W B . 3.52 -5.03 -7.42
O20 E7W B . 3.01 -6.07 -7.86
C16 E7W B . 5.27 -2.61 -9.88
C3 E7W B . 5.21 -3.71 -8.73
C23 E7W B . 6.53 -5.73 -8.93
N28 E7W B . 7.13 -5.61 -7.74
C27 E7W B . 8.09 -6.36 -7.29
C47 E7W B . 9.57 -8.20 -7.99
C49 E7W B . 10.05 -9.09 -9.02
C51 E7W B . 9.50 -9.10 -10.30
C53 E7W B . 8.49 -8.24 -10.62
C25 E7W B . 7.92 -7.40 -9.59
N24 E7W B . 7.00 -6.54 -9.96
N29 E7W B . 8.58 -6.31 -6.00
C31 E7W B . 8.27 -5.57 -4.93
C39 E7W B . 7.02 -4.99 -4.74
C37 E7W B . 6.72 -4.21 -3.60
C35 E7W B . 7.67 -3.93 -2.67
C34 E7W B . 8.93 -4.36 -2.92
C32 E7W B . 9.16 -5.20 -4.01
C41 E7W B . 10.01 -3.98 -1.93
N44 E7W B . 10.11 -4.94 -0.90
#